data_3MR5
#
_entry.id   3MR5
#
_cell.length_a   99.125
_cell.length_b   99.125
_cell.length_c   81.703
_cell.angle_alpha   90.00
_cell.angle_beta   90.00
_cell.angle_gamma   120.00
#
_symmetry.space_group_name_H-M   'P 61'
#
loop_
_entity.id
_entity.type
_entity.pdbx_description
1 polymer 'DNA polymerase eta'
2 polymer "DNA (5'-D(*TP*AP*AP*CP*(TTD)P*AP*TP*GP*AP*CP*GP*A)-3')"
3 polymer "DNA (5'-D(*AP*CP*GP*TP*CP*AP*TP*AP*A)-3')"
4 non-polymer "2'-deoxy-5'-O-[(R)-hydroxy{[(R)-hydroxy(phosphonooxy)phosphoryl]amino}phosphoryl]guanosine"
5 non-polymer 'MAGNESIUM ION'
6 non-polymer GLYCEROL
7 water water
#
loop_
_entity_poly.entity_id
_entity_poly.type
_entity_poly.pdbx_seq_one_letter_code
_entity_poly.pdbx_strand_id
1 'polypeptide(L)'
;GPHMATGQDRVVALVDMDCFFVQVEQRQNPHLRNKPCAVVQYKSWKGGGIIAVSYEARAFGVTRSMWADDAKKLCPDLLL
AQVRESRGKANLTKYREASVEVMEIMSRFAVIERASIDEAYVDLTSAVQERLQKLQGQPISADLLPSTYIEGLPQGPTTA
EETVQKEGMRKQGLFQWLDSLQIDNLTSPDLQLTVGAVIVEEMRAAIERETGFQCSAGISHNKVLAKLACGLNKPNRQTL
VSHGSVPQLFSQMPIRKIRSLGGKLGASVIEILGIEYMGELTQFTESQLQSHFGEKNGSWLYAMCRGIEHDPVKPRQLPK
TIGCSKNFPGKTALATREQVQWWLLQLAQELEERLTKDRNDNDRVATQLVVSIRVQGDKRLSSLRRCCALTRYDAHKMSH
DAFTVIKNCNTSGIQTEWSPPLTMLFLCATKFSAS
;
A
2 'polydeoxyribonucleotide' (DT)(DA)(DA)(DC)(TTD)(DA)(DT)(DG)(DA)(DC)(DG)(DA) T
3 'polydeoxyribonucleotide' (DA)(DC)(DG)(DT)(DC)(DA)(DT)(DA)(DA) P
#
loop_
_chem_comp.id
_chem_comp.type
_chem_comp.name
_chem_comp.formula
DA DNA linking 2'-DEOXYADENOSINE-5'-MONOPHOSPHATE 'C10 H14 N5 O6 P'
DC DNA linking 2'-DEOXYCYTIDINE-5'-MONOPHOSPHATE 'C9 H14 N3 O7 P'
DG DNA linking 2'-DEOXYGUANOSINE-5'-MONOPHOSPHATE 'C10 H14 N5 O7 P'
DT DNA linking THYMIDINE-5'-MONOPHOSPHATE 'C10 H15 N2 O8 P'
GOL non-polymer GLYCEROL 'C3 H8 O3'
MG non-polymer 'MAGNESIUM ION' 'Mg 2'
TTD DNA linking 'CIS-SYN CYCLOBUTANE THYMINE DIMER' 'C20 H28 N4 O15 P2'
XG4 non-polymer 2'-deoxy-5'-O-[(R)-hydroxy{[(R)-hydroxy(phosphonooxy)phosphoryl]amino}phosphoryl]guanosine 'C10 H17 N6 O12 P3'
#
# COMPACT_ATOMS: atom_id res chain seq x y z
N HIS A 3 -14.21 -20.28 -14.19
CA HIS A 3 -14.32 -20.33 -12.71
C HIS A 3 -14.73 -18.99 -12.10
N MET A 4 -15.17 -18.07 -12.95
CA MET A 4 -15.57 -16.74 -12.52
C MET A 4 -16.76 -16.79 -11.56
N ALA A 5 -17.68 -17.71 -11.81
CA ALA A 5 -18.88 -17.84 -10.98
C ALA A 5 -18.55 -17.92 -9.49
N THR A 6 -17.45 -18.61 -9.17
CA THR A 6 -17.01 -18.74 -7.78
C THR A 6 -15.83 -17.81 -7.48
N GLY A 7 -15.52 -16.94 -8.42
CA GLY A 7 -14.43 -15.99 -8.24
C GLY A 7 -13.07 -16.66 -8.14
N GLN A 8 -12.87 -17.75 -8.88
CA GLN A 8 -11.59 -18.47 -8.87
C GLN A 8 -10.93 -18.41 -10.25
N ASP A 9 -11.29 -17.39 -11.03
CA ASP A 9 -10.86 -17.23 -12.41
C ASP A 9 -9.43 -16.70 -12.53
N ARG A 10 -8.94 -16.02 -11.51
CA ARG A 10 -7.61 -15.40 -11.61
C ARG A 10 -6.69 -15.83 -10.48
N VAL A 11 -5.41 -15.58 -10.70
CA VAL A 11 -4.41 -15.69 -9.67
C VAL A 11 -3.78 -14.33 -9.43
N VAL A 12 -4.03 -13.77 -8.26
CA VAL A 12 -3.56 -12.43 -7.97
C VAL A 12 -2.74 -12.41 -6.71
N ALA A 13 -1.67 -11.65 -6.74
CA ALA A 13 -0.84 -11.52 -5.56
C ALA A 13 -0.65 -10.07 -5.20
N LEU A 14 -0.37 -9.84 -3.93
CA LEU A 14 -0.05 -8.53 -3.41
C LEU A 14 1.26 -8.61 -2.65
N VAL A 15 2.27 -7.91 -3.15
CA VAL A 15 3.57 -7.91 -2.52
C VAL A 15 3.80 -6.59 -1.81
N ASP A 16 4.10 -6.65 -0.52
CA ASP A 16 4.31 -5.46 0.28
C ASP A 16 5.63 -5.55 1.05
N MET A 17 6.46 -4.52 0.94
CA MET A 17 7.75 -4.50 1.62
C MET A 17 7.58 -4.45 3.14
N ASP A 18 8.45 -5.14 3.86
CA ASP A 18 8.42 -5.11 5.32
C ASP A 18 9.10 -3.84 5.84
N CYS A 19 8.47 -3.18 6.82
CA CYS A 19 9.01 -1.91 7.36
C CYS A 19 9.91 -1.22 6.34
N PHE A 20 9.30 -0.87 5.21
CA PHE A 20 10.00 -0.41 4.02
C PHE A 20 11.00 0.72 4.27
N PHE A 21 10.55 1.87 4.75
CA PHE A 21 11.47 2.99 4.90
C PHE A 21 12.64 2.62 5.81
N VAL A 22 12.37 1.80 6.82
CA VAL A 22 13.40 1.35 7.73
C VAL A 22 14.44 0.48 7.01
N GLN A 23 13.98 -0.46 6.19
CA GLN A 23 14.90 -1.28 5.43
C GLN A 23 15.78 -0.43 4.54
N VAL A 24 15.20 0.59 3.92
CA VAL A 24 15.97 1.48 3.07
C VAL A 24 17.10 2.14 3.86
N GLU A 25 16.78 2.60 5.07
CA GLU A 25 17.78 3.26 5.91
C GLU A 25 18.79 2.24 6.45
N GLN A 26 18.33 1.03 6.74
CA GLN A 26 19.20 0.00 7.26
C GLN A 26 20.18 -0.50 6.21
N ARG A 27 19.72 -0.58 4.97
CA ARG A 27 20.62 -1.00 3.91
C ARG A 27 21.78 -0.02 3.78
N GLN A 28 21.45 1.26 3.86
CA GLN A 28 22.42 2.33 3.71
C GLN A 28 23.33 2.45 4.93
N ASN A 29 22.74 2.38 6.12
CA ASN A 29 23.50 2.44 7.36
C ASN A 29 23.43 1.12 8.11
N PRO A 30 24.47 0.29 7.94
CA PRO A 30 24.59 -1.04 8.56
C PRO A 30 24.43 -1.02 10.08
N HIS A 31 24.78 0.10 10.71
CA HIS A 31 24.68 0.20 12.16
C HIS A 31 23.24 0.05 12.65
N LEU A 32 22.26 0.32 11.76
CA LEU A 32 20.85 0.27 12.12
C LEU A 32 20.25 -1.13 11.96
N ARG A 33 21.00 -2.04 11.32
CA ARG A 33 20.46 -3.37 11.04
C ARG A 33 20.23 -4.20 12.31
N ASN A 34 19.09 -4.93 12.31
CA ASN A 34 18.71 -5.84 13.38
C ASN A 34 18.59 -5.16 14.72
N LYS A 35 18.07 -3.94 14.72
CA LYS A 35 17.92 -3.20 15.95
C LYS A 35 16.59 -2.50 15.98
N PRO A 36 16.14 -2.09 17.17
CA PRO A 36 14.89 -1.35 17.22
C PRO A 36 15.14 0.03 16.64
N CYS A 37 14.54 0.30 15.51
CA CYS A 37 14.78 1.54 14.78
CA CYS A 37 14.74 1.60 14.89
C CYS A 37 13.50 2.06 14.16
N ALA A 38 13.46 3.34 13.87
CA ALA A 38 12.30 3.92 13.21
C ALA A 38 12.71 5.10 12.35
N VAL A 39 11.90 5.40 11.36
CA VAL A 39 12.13 6.55 10.52
C VAL A 39 11.24 7.69 10.97
N VAL A 40 11.83 8.85 11.16
CA VAL A 40 11.11 10.00 11.67
CA VAL A 40 11.11 9.99 11.68
C VAL A 40 11.17 11.18 10.72
N GLN A 41 10.09 11.96 10.69
CA GLN A 41 9.96 13.15 9.87
C GLN A 41 10.02 14.41 10.75
N TYR A 42 11.05 15.20 10.54
N TYR A 42 11.06 15.24 10.63
CA TYR A 42 11.30 16.39 11.34
CA TYR A 42 11.13 16.49 11.40
C TYR A 42 11.74 15.99 12.75
C TYR A 42 11.35 16.24 12.90
N LYS A 43 12.35 16.89 13.49
N LYS A 43 12.48 16.69 13.45
CA LYS A 43 12.82 16.53 14.82
CA LYS A 43 12.82 16.39 14.84
C LYS A 43 12.49 17.58 15.83
C LYS A 43 12.35 17.49 15.84
N SER A 44 12.01 18.70 15.35
CA SER A 44 11.73 19.85 16.27
C SER A 44 10.52 19.62 17.21
N TRP A 45 9.39 19.16 16.66
CA TRP A 45 8.18 19.01 17.49
C TRP A 45 8.06 17.60 18.08
N LYS A 46 8.29 17.50 19.40
CA LYS A 46 8.19 16.23 20.13
C LYS A 46 9.09 15.15 19.54
N GLY A 47 10.26 15.55 19.03
CA GLY A 47 11.21 14.59 18.51
C GLY A 47 10.90 14.16 17.09
N GLY A 48 9.80 14.65 16.53
CA GLY A 48 9.45 14.30 15.16
C GLY A 48 8.43 13.18 15.08
N GLY A 49 7.77 13.07 13.93
CA GLY A 49 6.76 12.05 13.73
C GLY A 49 7.31 10.77 13.11
N ILE A 50 7.02 9.64 13.74
CA ILE A 50 7.45 8.34 13.25
C ILE A 50 6.56 7.87 12.10
N ILE A 51 7.17 7.45 10.99
CA ILE A 51 6.38 7.00 9.86
C ILE A 51 6.69 5.54 9.47
N ALA A 52 7.73 4.98 10.06
CA ALA A 52 8.09 3.57 9.81
C ALA A 52 8.81 2.99 11.03
N VAL A 53 8.53 1.72 11.33
CA VAL A 53 9.08 1.10 12.52
C VAL A 53 9.58 -0.33 12.26
N SER A 54 10.81 -0.62 12.68
CA SER A 54 11.36 -1.96 12.54
C SER A 54 10.58 -2.93 13.42
N TYR A 55 10.57 -4.20 13.05
CA TYR A 55 9.84 -5.17 13.84
C TYR A 55 10.39 -5.29 15.27
N GLU A 56 11.69 -5.04 15.43
CA GLU A 56 12.27 -5.06 16.76
C GLU A 56 11.66 -3.95 17.62
N ALA A 57 11.44 -2.79 17.02
CA ALA A 57 10.84 -1.66 17.71
C ALA A 57 9.37 -1.91 18.03
N ARG A 58 8.67 -2.58 17.11
CA ARG A 58 7.26 -2.88 17.32
C ARG A 58 7.06 -3.75 18.56
N ALA A 59 8.07 -4.56 18.87
CA ALA A 59 8.01 -5.43 20.03
C ALA A 59 7.87 -4.60 21.31
N PHE A 60 8.29 -3.34 21.25
CA PHE A 60 8.22 -2.42 22.39
C PHE A 60 6.93 -1.61 22.37
N GLY A 61 6.15 -1.75 21.30
CA GLY A 61 4.90 -1.01 21.22
C GLY A 61 5.01 0.24 20.38
N VAL A 62 6.16 0.47 19.75
CA VAL A 62 6.34 1.63 18.89
C VAL A 62 5.51 1.49 17.62
N THR A 63 4.84 2.57 17.23
CA THR A 63 3.99 2.53 16.06
C THR A 63 4.14 3.77 15.22
N ARG A 64 3.65 3.68 14.01
CA ARG A 64 3.59 4.84 13.14
C ARG A 64 2.63 5.88 13.70
N SER A 65 2.95 7.15 13.44
N SER A 65 2.87 7.14 13.43
CA SER A 65 2.13 8.28 13.85
CA SER A 65 1.97 8.16 13.94
C SER A 65 2.44 8.73 15.27
C SER A 65 2.15 8.33 15.43
N MET A 66 3.34 8.02 15.91
CA MET A 66 3.72 8.30 17.29
C MET A 66 4.84 9.30 17.30
N TRP A 67 4.83 10.21 18.27
CA TRP A 67 5.94 11.15 18.34
C TRP A 67 7.21 10.43 18.82
N ALA A 68 8.36 10.80 18.26
CA ALA A 68 9.62 10.15 18.62
C ALA A 68 9.87 10.22 20.13
N ASP A 69 9.55 11.36 20.74
CA ASP A 69 9.74 11.51 22.18
C ASP A 69 8.96 10.47 22.95
N ASP A 70 7.74 10.19 22.50
CA ASP A 70 6.89 9.19 23.14
C ASP A 70 7.40 7.78 22.85
N ALA A 71 7.90 7.58 21.63
CA ALA A 71 8.44 6.29 21.25
C ALA A 71 9.63 5.91 22.14
N LYS A 72 10.43 6.91 22.49
CA LYS A 72 11.60 6.70 23.34
C LYS A 72 11.20 6.25 24.75
N LYS A 73 10.02 6.68 25.17
CA LYS A 73 9.51 6.27 26.48
C LYS A 73 9.26 4.77 26.53
N LEU A 74 8.73 4.22 25.43
CA LEU A 74 8.47 2.79 25.32
C LEU A 74 9.75 2.02 25.03
N CYS A 75 10.60 2.61 24.20
CA CYS A 75 11.83 1.99 23.76
C CYS A 75 13.00 2.95 23.89
N PRO A 76 13.66 2.94 25.07
CA PRO A 76 14.79 3.82 25.38
C PRO A 76 15.94 3.74 24.36
N ASP A 77 16.21 2.54 23.86
CA ASP A 77 17.35 2.35 22.96
C ASP A 77 16.96 2.48 21.48
N LEU A 78 15.78 3.01 21.22
CA LEU A 78 15.30 3.18 19.85
C LEU A 78 16.26 4.04 19.02
N LEU A 79 16.67 3.52 17.87
CA LEU A 79 17.50 4.28 16.95
C LEU A 79 16.62 4.97 15.91
N LEU A 80 17.00 6.18 15.52
CA LEU A 80 16.16 6.93 14.59
C LEU A 80 16.92 7.39 13.37
N ALA A 81 16.25 7.28 12.23
CA ALA A 81 16.75 7.80 10.97
C ALA A 81 15.84 8.91 10.50
N GLN A 82 16.40 10.07 10.15
CA GLN A 82 15.58 11.21 9.77
C GLN A 82 15.35 11.25 8.29
N VAL A 83 14.12 11.54 7.90
CA VAL A 83 13.79 11.77 6.52
C VAL A 83 14.51 13.02 6.03
N ARG A 84 15.10 12.96 4.85
CA ARG A 84 15.83 14.08 4.29
C ARG A 84 14.94 15.30 4.13
N GLU A 85 15.52 16.47 4.35
CA GLU A 85 14.81 17.73 4.17
C GLU A 85 15.46 18.57 3.08
N SER A 86 14.64 19.04 2.16
CA SER A 86 15.09 19.92 1.09
C SER A 86 14.08 21.03 0.88
N ARG A 87 14.57 22.24 0.69
CA ARG A 87 13.68 23.37 0.45
C ARG A 87 12.68 23.54 1.58
N GLY A 88 13.13 23.28 2.82
CA GLY A 88 12.32 23.49 4.00
C GLY A 88 11.27 22.42 4.23
N LYS A 89 11.33 21.28 3.53
CA LYS A 89 10.30 20.26 3.72
C LYS A 89 10.86 18.86 3.56
N ALA A 90 10.05 17.90 3.93
CA ALA A 90 10.42 16.50 3.79
C ALA A 90 10.59 16.16 2.32
N ASN A 91 11.67 15.46 2.02
CA ASN A 91 11.98 14.99 0.69
C ASN A 91 12.12 13.47 0.70
N LEU A 92 11.24 12.79 -0.04
CA LEU A 92 11.18 11.33 0.02
C LEU A 92 11.81 10.67 -1.18
N THR A 93 12.73 11.36 -1.83
CA THR A 93 13.35 10.84 -3.04
C THR A 93 14.03 9.48 -2.80
N LYS A 94 14.71 9.34 -1.68
CA LYS A 94 15.42 8.10 -1.40
C LYS A 94 14.49 6.90 -1.43
N TYR A 95 13.32 7.05 -0.83
CA TYR A 95 12.35 5.96 -0.74
C TYR A 95 11.67 5.71 -2.08
N ARG A 96 11.49 6.78 -2.86
CA ARG A 96 10.90 6.63 -4.18
C ARG A 96 11.85 5.88 -5.11
N GLU A 97 13.14 6.16 -5.00
CA GLU A 97 14.14 5.48 -5.81
C GLU A 97 14.24 4.01 -5.42
N ALA A 98 14.18 3.75 -4.11
CA ALA A 98 14.19 2.36 -3.64
C ALA A 98 12.98 1.61 -4.16
N SER A 99 11.83 2.29 -4.14
CA SER A 99 10.59 1.70 -4.64
C SER A 99 10.73 1.29 -6.10
N VAL A 100 11.38 2.15 -6.90
CA VAL A 100 11.59 1.84 -8.30
C VAL A 100 12.40 0.55 -8.48
N GLU A 101 13.43 0.37 -7.64
CA GLU A 101 14.24 -0.84 -7.69
C GLU A 101 13.35 -2.08 -7.59
N VAL A 102 12.45 -2.06 -6.63
CA VAL A 102 11.59 -3.19 -6.37
C VAL A 102 10.55 -3.39 -7.46
N MET A 103 9.89 -2.31 -7.86
CA MET A 103 8.86 -2.39 -8.88
C MET A 103 9.43 -2.92 -10.20
N GLU A 104 10.64 -2.50 -10.52
CA GLU A 104 11.25 -2.93 -11.77
C GLU A 104 11.50 -4.43 -11.77
N ILE A 105 11.91 -4.96 -10.63
CA ILE A 105 12.12 -6.40 -10.52
C ILE A 105 10.81 -7.17 -10.65
N MET A 106 9.77 -6.67 -9.98
CA MET A 106 8.46 -7.33 -10.07
C MET A 106 7.94 -7.34 -11.50
N SER A 107 8.22 -6.26 -12.24
CA SER A 107 7.75 -6.10 -13.60
C SER A 107 8.29 -7.17 -14.54
N ARG A 108 9.41 -7.79 -14.18
CA ARG A 108 9.98 -8.83 -15.02
C ARG A 108 9.08 -10.06 -15.06
N PHE A 109 8.44 -10.35 -13.93
CA PHE A 109 7.65 -11.57 -13.79
C PHE A 109 6.25 -11.43 -14.36
N ALA A 110 5.62 -10.28 -14.19
CA ALA A 110 4.25 -10.13 -14.69
C ALA A 110 3.79 -8.70 -14.68
N VAL A 111 2.57 -8.49 -15.18
CA VAL A 111 1.94 -7.20 -15.15
C VAL A 111 1.63 -6.81 -13.72
N ILE A 112 1.96 -5.57 -13.36
CA ILE A 112 1.72 -5.13 -11.99
C ILE A 112 0.97 -3.83 -11.94
N GLU A 113 0.28 -3.63 -10.84
CA GLU A 113 -0.40 -2.40 -10.54
C GLU A 113 0.18 -1.78 -9.29
N ARG A 114 0.92 -0.69 -9.43
CA ARG A 114 1.47 -0.01 -8.26
C ARG A 114 0.34 0.47 -7.37
N ALA A 115 0.33 0.02 -6.12
CA ALA A 115 -0.75 0.39 -5.21
C ALA A 115 -0.26 1.39 -4.16
N SER A 116 1.04 1.41 -3.93
CA SER A 116 1.65 2.34 -2.98
C SER A 116 3.13 2.44 -3.23
N ILE A 117 3.81 3.22 -2.43
CA ILE A 117 5.25 3.34 -2.59
C ILE A 117 5.96 2.02 -2.27
N ASP A 118 5.27 1.11 -1.55
CA ASP A 118 5.94 -0.13 -1.14
C ASP A 118 5.15 -1.39 -1.49
N GLU A 119 4.17 -1.31 -2.37
CA GLU A 119 3.42 -2.52 -2.71
C GLU A 119 2.81 -2.45 -4.09
N ALA A 120 2.61 -3.63 -4.68
CA ALA A 120 2.00 -3.73 -5.99
C ALA A 120 1.24 -5.02 -6.15
N TYR A 121 0.15 -4.97 -6.88
CA TYR A 121 -0.61 -6.18 -7.19
C TYR A 121 -0.05 -6.82 -8.45
N VAL A 122 -0.07 -8.14 -8.49
CA VAL A 122 0.44 -8.88 -9.63
C VAL A 122 -0.62 -9.81 -10.18
N ASP A 123 -0.86 -9.75 -11.48
CA ASP A 123 -1.78 -10.69 -12.10
C ASP A 123 -0.98 -11.86 -12.69
N LEU A 124 -1.00 -12.99 -11.99
CA LEU A 124 -0.17 -14.15 -12.36
C LEU A 124 -0.93 -15.21 -13.14
N THR A 125 -2.15 -14.89 -13.57
CA THR A 125 -2.96 -15.88 -14.26
C THR A 125 -2.24 -16.48 -15.48
N SER A 126 -1.68 -15.62 -16.33
CA SER A 126 -0.98 -16.08 -17.53
C SER A 126 0.30 -16.84 -17.18
N ALA A 127 1.11 -16.27 -16.29
CA ALA A 127 2.36 -16.90 -15.90
C ALA A 127 2.13 -18.30 -15.35
N VAL A 128 1.06 -18.45 -14.57
CA VAL A 128 0.70 -19.74 -14.00
C VAL A 128 0.35 -20.74 -15.09
N GLN A 129 -0.39 -20.29 -16.08
CA GLN A 129 -0.78 -21.15 -17.18
C GLN A 129 0.45 -21.63 -17.95
N GLU A 130 1.38 -20.72 -18.21
CA GLU A 130 2.60 -21.09 -18.90
C GLU A 130 3.41 -22.09 -18.08
N ARG A 131 3.56 -21.81 -16.80
CA ARG A 131 4.30 -22.71 -15.92
C ARG A 131 3.62 -24.06 -15.82
N LEU A 132 2.29 -24.06 -15.81
CA LEU A 132 1.53 -25.29 -15.70
C LEU A 132 1.78 -26.23 -16.88
N GLN A 133 1.89 -25.66 -18.07
CA GLN A 133 2.18 -26.50 -19.24
C GLN A 133 3.60 -27.05 -19.17
N LYS A 134 4.51 -26.25 -18.61
CA LYS A 134 5.86 -26.73 -18.35
C LYS A 134 5.84 -27.67 -17.16
N LEU A 135 6.62 -28.73 -17.20
CA LEU A 135 6.62 -29.67 -16.09
C LEU A 135 5.18 -30.06 -15.74
N GLN A 136 4.38 -30.28 -16.77
CA GLN A 136 3.00 -30.69 -16.59
C GLN A 136 2.93 -32.09 -15.99
N GLY A 137 2.10 -32.25 -14.95
CA GLY A 137 1.97 -33.55 -14.30
C GLY A 137 3.00 -33.77 -13.22
N GLN A 138 3.98 -32.89 -13.14
CA GLN A 138 5.02 -33.00 -12.14
C GLN A 138 4.52 -32.47 -10.81
N PRO A 139 4.72 -33.26 -9.73
CA PRO A 139 4.30 -32.86 -8.38
C PRO A 139 5.06 -31.63 -7.91
N ILE A 140 4.42 -30.84 -7.07
CA ILE A 140 5.08 -29.66 -6.52
C ILE A 140 5.68 -29.97 -5.16
N SER A 141 7.00 -29.84 -5.06
CA SER A 141 7.71 -30.13 -3.82
C SER A 141 7.53 -29.01 -2.82
N ALA A 142 7.53 -29.37 -1.54
CA ALA A 142 7.43 -28.37 -0.48
C ALA A 142 8.62 -27.43 -0.53
N ASP A 143 9.72 -27.93 -1.10
CA ASP A 143 10.96 -27.17 -1.20
C ASP A 143 10.79 -25.95 -2.10
N LEU A 144 9.78 -25.97 -2.96
CA LEU A 144 9.54 -24.84 -3.86
C LEU A 144 8.76 -23.74 -3.16
N LEU A 145 8.26 -24.03 -1.97
CA LEU A 145 7.50 -23.08 -1.17
C LEU A 145 8.06 -23.01 0.25
N PRO A 146 9.32 -22.55 0.36
CA PRO A 146 10.06 -22.45 1.62
C PRO A 146 9.51 -21.41 2.61
N SER A 147 8.74 -20.43 2.15
CA SER A 147 8.25 -19.38 3.06
C SER A 147 6.75 -19.19 2.95
N THR A 148 6.05 -20.23 2.49
CA THR A 148 4.61 -20.12 2.24
C THR A 148 3.77 -20.74 3.35
N TYR A 149 2.72 -20.01 3.73
CA TYR A 149 1.71 -20.47 4.66
C TYR A 149 0.41 -20.73 3.94
N ILE A 150 -0.23 -21.84 4.24
CA ILE A 150 -1.55 -22.09 3.69
C ILE A 150 -2.59 -21.75 4.74
N GLU A 151 -3.27 -20.62 4.55
CA GLU A 151 -4.25 -20.17 5.54
C GLU A 151 -5.31 -21.23 5.80
N GLY A 152 -5.59 -21.49 7.08
CA GLY A 152 -6.61 -22.45 7.44
C GLY A 152 -6.03 -23.83 7.74
N LEU A 153 -4.76 -24.05 7.40
CA LEU A 153 -4.12 -25.33 7.67
C LEU A 153 -2.92 -25.15 8.60
N PRO A 154 -2.51 -26.19 9.33
CA PRO A 154 -3.11 -27.52 9.33
C PRO A 154 -4.44 -27.58 10.08
N GLN A 155 -5.24 -28.60 9.77
CA GLN A 155 -6.52 -28.84 10.43
C GLN A 155 -6.77 -30.34 10.58
N GLY A 156 -7.71 -30.67 11.46
CA GLY A 156 -8.17 -32.04 11.65
C GLY A 156 -7.26 -32.88 12.53
N PRO A 157 -7.70 -34.12 12.76
CA PRO A 157 -6.95 -35.07 13.57
C PRO A 157 -5.63 -35.35 12.90
N THR A 158 -4.56 -35.42 13.67
CA THR A 158 -3.23 -35.59 13.10
C THR A 158 -2.46 -34.29 13.14
N GLU A 162 5.95 -31.05 16.47
CA GLU A 162 6.48 -30.02 15.60
C GLU A 162 5.55 -28.81 15.55
N THR A 163 4.26 -29.06 15.70
CA THR A 163 3.27 -28.01 15.51
C THR A 163 3.32 -26.92 16.60
N VAL A 164 3.78 -27.24 17.82
CA VAL A 164 3.80 -26.22 18.88
C VAL A 164 4.63 -24.98 18.47
N GLN A 165 5.58 -25.16 17.55
CA GLN A 165 6.37 -24.03 17.04
C GLN A 165 5.89 -23.62 15.63
N LYS A 166 5.96 -22.32 15.32
CA LYS A 166 5.36 -21.78 14.09
C LYS A 166 5.88 -22.45 12.81
N GLU A 167 7.18 -22.62 12.67
CA GLU A 167 7.71 -23.22 11.44
C GLU A 167 7.17 -24.63 11.27
N GLY A 168 7.07 -25.36 12.36
CA GLY A 168 6.50 -26.69 12.30
C GLY A 168 5.07 -26.65 11.85
N MET A 169 4.35 -25.66 12.35
CA MET A 169 2.96 -25.45 11.98
C MET A 169 2.86 -25.14 10.48
N ARG A 170 3.76 -24.29 9.99
CA ARG A 170 3.76 -23.91 8.58
C ARG A 170 3.95 -25.14 7.69
N LYS A 171 4.90 -25.99 8.08
CA LYS A 171 5.23 -27.17 7.30
C LYS A 171 4.08 -28.19 7.30
N GLN A 172 3.48 -28.42 8.46
CA GLN A 172 2.36 -29.35 8.53
C GLN A 172 1.23 -28.92 7.62
N GLY A 173 0.90 -27.63 7.68
CA GLY A 173 -0.16 -27.12 6.83
C GLY A 173 0.18 -27.24 5.37
N LEU A 174 1.42 -26.92 5.02
CA LEU A 174 1.87 -27.01 3.65
C LEU A 174 1.80 -28.44 3.14
N PHE A 175 2.19 -29.39 4.00
CA PHE A 175 2.14 -30.80 3.63
C PHE A 175 0.71 -31.26 3.39
N GLN A 176 -0.19 -30.87 4.28
CA GLN A 176 -1.59 -31.24 4.12
C GLN A 176 -2.13 -30.72 2.79
N TRP A 177 -1.79 -29.47 2.48
CA TRP A 177 -2.23 -28.83 1.25
C TRP A 177 -1.69 -29.55 0.03
N LEU A 178 -0.38 -29.73 -0.02
CA LEU A 178 0.26 -30.35 -1.17
C LEU A 178 -0.18 -31.81 -1.35
N ASP A 179 -0.42 -32.50 -0.24
CA ASP A 179 -0.86 -33.89 -0.32
C ASP A 179 -2.24 -34.01 -0.95
N SER A 180 -3.09 -33.01 -0.72
CA SER A 180 -4.47 -33.07 -1.21
C SER A 180 -4.61 -32.51 -2.65
N LEU A 181 -3.56 -31.86 -3.15
N LEU A 181 -3.57 -31.78 -3.10
CA LEU A 181 -3.61 -31.22 -4.46
CA LEU A 181 -3.47 -31.42 -4.52
C LEU A 181 -3.81 -32.22 -5.57
C LEU A 181 -3.13 -32.66 -5.30
N GLN A 182 -4.70 -31.90 -6.49
N GLN A 182 -2.05 -33.28 -4.82
CA GLN A 182 -4.83 -32.70 -7.72
CA GLN A 182 -1.37 -34.42 -5.44
C GLN A 182 -3.94 -32.10 -8.82
C GLN A 182 -2.28 -35.62 -5.58
N ILE A 183 -2.76 -32.68 -8.98
N ILE A 183 -3.06 -35.89 -4.54
CA ILE A 183 -1.77 -32.16 -9.91
CA ILE A 183 -4.01 -36.99 -4.55
C ILE A 183 -2.14 -32.43 -11.36
C ILE A 183 -5.28 -36.57 -5.29
N ASP A 184 -2.91 -33.48 -11.60
N ASP A 184 -5.27 -35.33 -5.78
CA ASP A 184 -3.23 -33.88 -12.97
CA ASP A 184 -6.36 -34.75 -6.53
C ASP A 184 -4.25 -32.96 -13.66
C ASP A 184 -7.60 -34.56 -5.67
N ASN A 185 -5.01 -32.19 -12.87
N ASN A 185 -7.40 -34.11 -4.43
CA ASN A 185 -5.98 -31.27 -13.47
CA ASN A 185 -8.52 -33.87 -3.53
C ASN A 185 -5.42 -29.85 -13.54
C ASN A 185 -8.93 -32.40 -3.54
N LEU A 186 -5.04 -29.43 -14.74
N LEU A 186 -8.22 -31.61 -4.35
CA LEU A 186 -4.42 -28.11 -14.94
CA LEU A 186 -8.53 -30.20 -4.47
C LEU A 186 -5.40 -26.98 -14.67
C LEU A 186 -9.00 -29.86 -5.89
N THR A 187 -6.70 -27.28 -14.64
N THR A 187 -8.68 -28.66 -6.36
CA THR A 187 -7.72 -26.25 -14.47
CA THR A 187 -9.21 -28.22 -7.64
C THR A 187 -8.10 -26.01 -13.00
C THR A 187 -8.15 -27.60 -8.53
N SER A 188 -7.59 -26.84 -12.09
N SER A 188 -8.53 -27.34 -9.78
CA SER A 188 -7.92 -26.68 -10.68
CA SER A 188 -7.68 -26.63 -10.68
C SER A 188 -7.42 -25.34 -10.14
C SER A 188 -7.34 -25.27 -10.12
N PRO A 189 -8.32 -24.56 -9.52
CA PRO A 189 -8.02 -23.25 -8.94
C PRO A 189 -6.97 -23.36 -7.84
N ASP A 190 -7.09 -24.41 -7.01
CA ASP A 190 -6.13 -24.61 -5.93
C ASP A 190 -4.74 -24.86 -6.47
N LEU A 191 -4.66 -25.67 -7.53
CA LEU A 191 -3.38 -25.93 -8.18
C LEU A 191 -2.81 -24.64 -8.76
N GLN A 192 -3.68 -23.84 -9.36
CA GLN A 192 -3.26 -22.58 -9.96
C GLN A 192 -2.72 -21.61 -8.90
N LEU A 193 -3.38 -21.56 -7.74
CA LEU A 193 -2.89 -20.72 -6.65
C LEU A 193 -1.52 -21.19 -6.18
N THR A 194 -1.36 -22.51 -6.09
CA THR A 194 -0.09 -23.09 -5.64
C THR A 194 1.03 -22.71 -6.58
N VAL A 195 0.78 -22.83 -7.87
CA VAL A 195 1.78 -22.45 -8.86
C VAL A 195 2.09 -20.96 -8.75
N GLY A 196 1.05 -20.16 -8.51
CA GLY A 196 1.27 -18.74 -8.33
C GLY A 196 2.19 -18.46 -7.15
N ALA A 197 2.00 -19.24 -6.09
CA ALA A 197 2.82 -19.11 -4.90
C ALA A 197 4.28 -19.45 -5.21
N VAL A 198 4.49 -20.46 -6.05
CA VAL A 198 5.86 -20.81 -6.42
C VAL A 198 6.53 -19.64 -7.14
N ILE A 199 5.79 -19.02 -8.05
CA ILE A 199 6.29 -17.87 -8.78
C ILE A 199 6.57 -16.70 -7.84
N VAL A 200 5.67 -16.47 -6.89
CA VAL A 200 5.87 -15.39 -5.94
C VAL A 200 7.09 -15.64 -5.05
N GLU A 201 7.35 -16.91 -4.71
CA GLU A 201 8.57 -17.24 -3.97
C GLU A 201 9.80 -16.79 -4.76
N GLU A 202 9.76 -17.05 -6.07
CA GLU A 202 10.85 -16.68 -6.96
C GLU A 202 10.99 -15.16 -7.06
N MET A 203 9.85 -14.47 -7.14
CA MET A 203 9.84 -13.01 -7.21
C MET A 203 10.47 -12.40 -5.98
N ARG A 204 10.04 -12.89 -4.81
CA ARG A 204 10.52 -12.37 -3.55
C ARG A 204 12.01 -12.67 -3.34
N ALA A 205 12.46 -13.81 -3.86
CA ALA A 205 13.88 -14.15 -3.79
C ALA A 205 14.69 -13.18 -4.63
N ALA A 206 14.16 -12.84 -5.80
CA ALA A 206 14.81 -11.89 -6.70
C ALA A 206 14.89 -10.52 -6.06
N ILE A 207 13.79 -10.09 -5.44
CA ILE A 207 13.77 -8.79 -4.79
C ILE A 207 14.83 -8.72 -3.69
N GLU A 208 14.88 -9.75 -2.85
CA GLU A 208 15.86 -9.75 -1.77
C GLU A 208 17.30 -9.84 -2.30
N ARG A 209 17.52 -10.70 -3.29
CA ARG A 209 18.87 -10.87 -3.81
C ARG A 209 19.39 -9.60 -4.48
N GLU A 210 18.50 -8.90 -5.18
CA GLU A 210 18.92 -7.78 -6.01
C GLU A 210 18.81 -6.43 -5.29
N THR A 211 18.11 -6.37 -4.17
CA THR A 211 17.96 -5.09 -3.46
C THR A 211 18.37 -5.18 -2.00
N GLY A 212 18.30 -6.38 -1.44
CA GLY A 212 18.60 -6.53 -0.03
C GLY A 212 17.36 -6.34 0.84
N PHE A 213 16.24 -6.03 0.21
CA PHE A 213 14.98 -5.80 0.93
C PHE A 213 14.15 -7.07 1.03
N GLN A 214 13.58 -7.29 2.20
CA GLN A 214 12.66 -8.41 2.40
C GLN A 214 11.23 -7.93 2.28
N CYS A 215 10.33 -8.84 1.92
CA CYS A 215 8.94 -8.47 1.77
C CYS A 215 8.03 -9.65 2.07
N SER A 216 6.74 -9.36 2.18
CA SER A 216 5.73 -10.40 2.37
C SER A 216 4.77 -10.39 1.20
N ALA A 217 3.97 -11.43 1.06
CA ALA A 217 3.05 -11.46 -0.07
C ALA A 217 1.81 -12.27 0.25
N GLY A 218 0.75 -11.95 -0.46
CA GLY A 218 -0.47 -12.71 -0.39
C GLY A 218 -0.83 -13.22 -1.76
N ILE A 219 -1.25 -14.48 -1.83
CA ILE A 219 -1.67 -15.05 -3.10
C ILE A 219 -3.09 -15.57 -3.00
N SER A 220 -3.96 -15.10 -3.89
CA SER A 220 -5.35 -15.52 -3.88
C SER A 220 -5.99 -15.30 -5.24
N HIS A 221 -7.33 -15.26 -5.30
CA HIS A 221 -8.00 -15.14 -6.59
C HIS A 221 -8.39 -13.71 -6.91
N ASN A 222 -8.18 -12.79 -5.96
CA ASN A 222 -8.52 -11.37 -6.20
C ASN A 222 -7.70 -10.44 -5.32
N LYS A 223 -7.77 -9.14 -5.61
CA LYS A 223 -6.96 -8.15 -4.90
C LYS A 223 -7.28 -8.07 -3.40
N VAL A 224 -8.56 -8.07 -3.06
CA VAL A 224 -8.94 -7.95 -1.66
C VAL A 224 -8.41 -9.11 -0.82
N LEU A 225 -8.59 -10.33 -1.29
CA LEU A 225 -8.10 -11.49 -0.55
C LEU A 225 -6.57 -11.54 -0.56
N ALA A 226 -5.96 -11.09 -1.65
CA ALA A 226 -4.50 -11.07 -1.73
C ALA A 226 -3.91 -10.09 -0.69
N LYS A 227 -4.54 -8.93 -0.57
CA LYS A 227 -4.07 -7.92 0.39
C LYS A 227 -4.23 -8.43 1.82
N LEU A 228 -5.39 -9.01 2.11
CA LEU A 228 -5.66 -9.56 3.43
C LEU A 228 -4.64 -10.65 3.77
N ALA A 229 -4.39 -11.53 2.80
CA ALA A 229 -3.48 -12.65 2.97
C ALA A 229 -2.06 -12.18 3.24
N CYS A 230 -1.65 -11.11 2.56
CA CYS A 230 -0.30 -10.59 2.71
C CYS A 230 0.04 -10.29 4.17
N GLY A 231 -0.92 -9.69 4.89
CA GLY A 231 -0.62 -9.28 6.26
C GLY A 231 -0.71 -10.43 7.27
N LEU A 232 -1.23 -11.60 6.91
CA LEU A 232 -1.45 -12.67 7.88
C LEU A 232 -0.15 -13.24 8.46
N ASN A 233 0.95 -13.24 7.69
CA ASN A 233 2.17 -13.85 8.21
C ASN A 233 3.40 -12.96 8.04
N LYS A 234 3.18 -11.65 7.99
CA LYS A 234 4.30 -10.71 7.94
C LYS A 234 5.13 -10.86 9.22
N PRO A 235 6.46 -10.63 9.20
CA PRO A 235 7.24 -10.26 8.02
C PRO A 235 7.95 -11.45 7.35
N ASN A 236 8.48 -11.17 6.17
CA ASN A 236 9.30 -12.11 5.39
C ASN A 236 8.63 -13.46 5.16
N ARG A 237 7.34 -13.45 4.92
CA ARG A 237 6.59 -14.66 4.62
C ARG A 237 5.46 -14.39 3.65
N GLN A 238 4.97 -15.42 2.97
CA GLN A 238 3.85 -15.25 2.07
C GLN A 238 2.73 -16.20 2.41
N THR A 239 1.49 -15.77 2.16
CA THR A 239 0.34 -16.56 2.55
C THR A 239 -0.60 -16.79 1.38
N LEU A 240 -1.00 -18.05 1.21
CA LEU A 240 -1.93 -18.43 0.18
C LEU A 240 -3.33 -18.58 0.75
N VAL A 241 -4.27 -17.78 0.25
CA VAL A 241 -5.65 -17.87 0.71
C VAL A 241 -6.52 -18.44 -0.40
N SER A 242 -6.94 -19.69 -0.23
CA SER A 242 -7.77 -20.36 -1.23
C SER A 242 -9.23 -19.98 -1.08
N HIS A 243 -10.02 -20.24 -2.11
CA HIS A 243 -11.44 -19.96 -2.04
C HIS A 243 -12.08 -20.74 -0.89
N GLY A 244 -11.64 -21.97 -0.69
CA GLY A 244 -12.18 -22.83 0.35
C GLY A 244 -11.89 -22.33 1.75
N SER A 245 -10.83 -21.54 1.94
CA SER A 245 -10.46 -21.05 3.26
C SER A 245 -11.33 -19.87 3.70
N VAL A 246 -12.09 -19.31 2.77
CA VAL A 246 -12.82 -18.07 3.03
C VAL A 246 -13.90 -18.20 4.12
N PRO A 247 -14.79 -19.20 4.10
CA PRO A 247 -15.82 -19.30 5.14
C PRO A 247 -15.28 -19.21 6.56
N GLN A 248 -14.27 -20.00 6.87
CA GLN A 248 -13.73 -19.98 8.24
C GLN A 248 -12.97 -18.69 8.51
N LEU A 249 -12.20 -18.24 7.52
CA LEU A 249 -11.42 -17.01 7.66
C LEU A 249 -12.32 -15.80 7.92
N PHE A 250 -13.43 -15.71 7.20
CA PHE A 250 -14.32 -14.57 7.31
C PHE A 250 -15.27 -14.67 8.51
N SER A 251 -15.40 -15.87 9.08
CA SER A 251 -16.36 -16.06 10.17
C SER A 251 -16.06 -15.18 11.39
N GLN A 252 -14.77 -14.91 11.64
CA GLN A 252 -14.37 -14.08 12.78
C GLN A 252 -13.53 -12.89 12.33
N MET A 253 -13.68 -12.51 11.08
CA MET A 253 -12.88 -11.42 10.53
C MET A 253 -13.59 -10.09 10.67
N PRO A 254 -13.03 -9.15 11.45
CA PRO A 254 -13.65 -7.83 11.61
C PRO A 254 -13.84 -7.17 10.25
N ILE A 255 -15.01 -6.62 10.01
CA ILE A 255 -15.34 -6.03 8.73
C ILE A 255 -14.35 -4.93 8.32
N ARG A 256 -13.84 -4.18 9.29
CA ARG A 256 -12.96 -3.05 9.01
C ARG A 256 -11.61 -3.50 8.44
N LYS A 257 -11.30 -4.80 8.56
CA LYS A 257 -10.01 -5.29 8.10
C LYS A 257 -9.97 -5.49 6.59
N ILE A 258 -11.14 -5.53 5.96
CA ILE A 258 -11.22 -5.73 4.52
C ILE A 258 -10.99 -4.43 3.76
N ARG A 259 -10.22 -4.51 2.68
CA ARG A 259 -9.88 -3.33 1.89
C ARG A 259 -11.12 -2.55 1.47
N SER A 260 -11.09 -1.24 1.76
CA SER A 260 -12.15 -0.30 1.41
C SER A 260 -13.26 -0.25 2.47
N LEU A 261 -13.15 -1.08 3.50
CA LEU A 261 -14.16 -1.09 4.54
C LEU A 261 -13.60 -0.53 5.86
N GLY A 262 -12.40 0.03 5.79
CA GLY A 262 -11.77 0.54 7.00
C GLY A 262 -12.34 1.89 7.43
N GLY A 263 -13.20 2.53 6.64
CA GLY A 263 -13.70 3.85 7.00
C GLY A 263 -15.18 3.87 7.35
N LYS A 264 -15.85 4.92 6.89
CA LYS A 264 -17.26 5.18 7.19
C LYS A 264 -18.18 4.07 6.65
N LEU A 265 -17.93 3.62 5.42
CA LEU A 265 -18.76 2.57 4.85
C LEU A 265 -18.73 1.32 5.71
N GLY A 266 -17.54 0.90 6.12
CA GLY A 266 -17.43 -0.26 6.99
C GLY A 266 -18.19 -0.07 8.29
N ALA A 267 -18.06 1.13 8.84
CA ALA A 267 -18.75 1.48 10.07
C ALA A 267 -20.26 1.43 9.89
N SER A 268 -20.74 1.89 8.72
CA SER A 268 -22.17 1.88 8.44
C SER A 268 -22.68 0.46 8.26
N VAL A 269 -21.86 -0.40 7.64
CA VAL A 269 -22.23 -1.79 7.47
C VAL A 269 -22.46 -2.46 8.83
N ILE A 270 -21.55 -2.20 9.76
CA ILE A 270 -21.64 -2.75 11.11
C ILE A 270 -22.85 -2.19 11.86
N GLU A 271 -23.02 -0.87 11.82
CA GLU A 271 -24.07 -0.19 12.57
C GLU A 271 -25.46 -0.51 12.02
N ILE A 272 -25.62 -0.40 10.70
CA ILE A 272 -26.94 -0.61 10.08
C ILE A 272 -27.36 -2.09 10.13
N LEU A 273 -26.42 -3.00 9.92
CA LEU A 273 -26.75 -4.42 9.88
C LEU A 273 -26.68 -5.10 11.24
N GLY A 274 -25.97 -4.47 12.17
CA GLY A 274 -25.85 -5.06 13.49
C GLY A 274 -25.01 -6.33 13.49
N ILE A 275 -23.91 -6.30 12.74
CA ILE A 275 -22.99 -7.43 12.64
C ILE A 275 -21.54 -7.00 12.90
N GLU A 276 -20.65 -7.97 13.10
CA GLU A 276 -19.25 -7.65 13.42
C GLU A 276 -18.27 -8.22 12.39
N TYR A 277 -18.59 -9.38 11.84
CA TYR A 277 -17.64 -10.08 10.98
C TYR A 277 -18.11 -10.17 9.52
N MET A 278 -17.13 -10.27 8.61
CA MET A 278 -17.39 -10.34 7.18
C MET A 278 -18.36 -11.47 6.84
N GLY A 279 -18.18 -12.62 7.48
CA GLY A 279 -19.01 -13.78 7.16
C GLY A 279 -20.50 -13.54 7.38
N GLU A 280 -20.87 -12.70 8.35
CA GLU A 280 -22.28 -12.45 8.66
C GLU A 280 -23.03 -11.80 7.49
N LEU A 281 -22.29 -11.21 6.56
CA LEU A 281 -22.91 -10.54 5.41
C LEU A 281 -23.64 -11.50 4.50
N THR A 282 -23.29 -12.79 4.56
CA THR A 282 -23.86 -13.78 3.64
C THR A 282 -25.36 -13.99 3.86
N GLN A 283 -25.88 -13.58 5.02
CA GLN A 283 -27.29 -13.84 5.33
C GLN A 283 -28.22 -12.81 4.68
N PHE A 284 -27.66 -11.80 4.05
CA PHE A 284 -28.47 -10.75 3.42
C PHE A 284 -28.55 -10.94 1.91
N THR A 285 -29.72 -10.61 1.34
CA THR A 285 -29.87 -10.68 -0.11
C THR A 285 -29.13 -9.54 -0.76
N GLU A 286 -28.79 -9.69 -2.03
CA GLU A 286 -28.10 -8.62 -2.73
C GLU A 286 -28.93 -7.34 -2.69
N SER A 287 -30.24 -7.49 -2.91
CA SER A 287 -31.15 -6.35 -2.90
C SER A 287 -31.14 -5.63 -1.55
N GLN A 288 -31.12 -6.40 -0.47
CA GLN A 288 -31.09 -5.80 0.86
C GLN A 288 -29.86 -4.93 1.03
N LEU A 289 -28.71 -5.48 0.66
CA LEU A 289 -27.46 -4.74 0.79
C LEU A 289 -27.45 -3.52 -0.10
N GLN A 290 -28.04 -3.63 -1.30
CA GLN A 290 -28.10 -2.50 -2.21
C GLN A 290 -28.99 -1.40 -1.64
N SER A 291 -30.08 -1.78 -0.99
CA SER A 291 -30.99 -0.80 -0.43
C SER A 291 -30.32 0.04 0.64
N HIS A 292 -29.47 -0.59 1.47
CA HIS A 292 -28.81 0.11 2.55
C HIS A 292 -27.58 0.91 2.08
N PHE A 293 -26.81 0.35 1.15
CA PHE A 293 -25.52 0.96 0.81
C PHE A 293 -25.40 1.36 -0.66
N GLY A 294 -26.48 1.26 -1.41
CA GLY A 294 -26.33 1.63 -2.81
C GLY A 294 -26.06 0.44 -3.71
N GLU A 295 -26.43 0.61 -4.97
CA GLU A 295 -26.35 -0.45 -5.97
C GLU A 295 -24.94 -1.05 -6.07
N LYS A 296 -23.96 -0.18 -6.27
CA LYS A 296 -22.58 -0.61 -6.46
C LYS A 296 -22.01 -1.24 -5.19
N ASN A 297 -22.12 -0.54 -4.06
CA ASN A 297 -21.60 -1.05 -2.80
C ASN A 297 -22.30 -2.33 -2.39
N GLY A 298 -23.61 -2.38 -2.61
CA GLY A 298 -24.39 -3.55 -2.24
C GLY A 298 -23.98 -4.79 -3.01
N SER A 299 -23.81 -4.67 -4.32
CA SER A 299 -23.38 -5.79 -5.14
C SER A 299 -21.99 -6.24 -4.75
N TRP A 300 -21.12 -5.27 -4.49
CA TRP A 300 -19.74 -5.56 -4.12
C TRP A 300 -19.68 -6.34 -2.82
N LEU A 301 -20.45 -5.90 -1.82
CA LEU A 301 -20.47 -6.56 -0.52
C LEU A 301 -21.02 -7.97 -0.62
N TYR A 302 -22.08 -8.13 -1.41
CA TYR A 302 -22.70 -9.43 -1.58
C TYR A 302 -21.71 -10.46 -2.12
N ALA A 303 -20.93 -10.05 -3.11
CA ALA A 303 -19.92 -10.93 -3.69
C ALA A 303 -18.71 -11.08 -2.77
N MET A 304 -18.29 -9.99 -2.15
CA MET A 304 -17.07 -9.96 -1.35
C MET A 304 -17.15 -10.89 -0.14
N CYS A 305 -18.28 -10.90 0.55
CA CYS A 305 -18.39 -11.72 1.75
C CYS A 305 -18.29 -13.21 1.41
N ARG A 306 -18.44 -13.52 0.12
CA ARG A 306 -18.33 -14.88 -0.37
C ARG A 306 -16.94 -15.13 -0.99
N GLY A 307 -16.05 -14.16 -0.82
CA GLY A 307 -14.67 -14.26 -1.30
C GLY A 307 -14.54 -13.94 -2.78
N ILE A 308 -15.54 -13.27 -3.35
CA ILE A 308 -15.56 -12.97 -4.78
C ILE A 308 -15.49 -11.47 -5.04
N GLU A 309 -14.53 -11.08 -5.86
CA GLU A 309 -14.43 -9.69 -6.30
C GLU A 309 -13.71 -9.62 -7.63
N HIS A 310 -14.06 -8.63 -8.46
CA HIS A 310 -13.55 -8.66 -9.83
C HIS A 310 -12.73 -7.43 -10.20
N ASP A 311 -12.35 -6.62 -9.23
CA ASP A 311 -11.50 -5.48 -9.55
C ASP A 311 -10.25 -5.96 -10.29
N PRO A 312 -10.02 -5.52 -11.54
CA PRO A 312 -8.86 -5.96 -12.30
C PRO A 312 -7.54 -5.37 -11.80
N VAL A 313 -6.48 -6.13 -11.95
CA VAL A 313 -5.15 -5.61 -11.71
C VAL A 313 -4.78 -4.71 -12.88
N LYS A 314 -4.87 -3.41 -12.68
CA LYS A 314 -4.64 -2.45 -13.75
C LYS A 314 -3.18 -2.38 -14.13
N PRO A 315 -2.92 -2.38 -15.45
CA PRO A 315 -1.56 -2.29 -15.93
C PRO A 315 -1.05 -0.86 -15.82
N ARG A 316 -0.74 -0.46 -14.59
CA ARG A 316 -0.25 0.87 -14.30
C ARG A 316 0.87 0.83 -13.30
N GLN A 317 2.06 1.21 -13.75
CA GLN A 317 3.23 1.19 -12.90
C GLN A 317 3.64 2.59 -12.46
N LEU A 318 2.99 3.60 -13.04
CA LEU A 318 3.32 4.99 -12.75
C LEU A 318 2.16 5.73 -12.10
N PRO A 319 2.50 6.72 -11.26
CA PRO A 319 1.50 7.56 -10.60
C PRO A 319 0.75 8.43 -11.61
N LYS A 320 -0.55 8.63 -11.39
CA LYS A 320 -1.35 9.47 -12.28
C LYS A 320 -1.19 10.93 -11.92
N THR A 321 -0.68 11.17 -10.73
CA THR A 321 -0.45 12.52 -10.23
C THR A 321 0.90 12.61 -9.55
N ILE A 322 1.49 13.80 -9.61
CA ILE A 322 2.74 14.08 -8.91
C ILE A 322 2.59 15.35 -8.11
N GLY A 323 2.65 15.23 -6.78
CA GLY A 323 2.42 16.40 -5.98
C GLY A 323 3.34 16.59 -4.79
N CYS A 324 3.28 17.84 -4.32
CA CYS A 324 4.04 18.29 -3.16
C CYS A 324 3.12 19.00 -2.19
N SER A 325 3.25 18.71 -0.90
CA SER A 325 2.38 19.38 0.06
C SER A 325 3.12 19.67 1.36
N LYS A 326 2.70 20.74 2.01
CA LYS A 326 3.27 21.11 3.28
C LYS A 326 2.21 21.65 4.23
N ASN A 327 2.21 21.16 5.45
CA ASN A 327 1.29 21.63 6.48
C ASN A 327 1.95 22.72 7.31
N PHE A 328 1.15 23.67 7.76
CA PHE A 328 1.60 24.73 8.65
C PHE A 328 0.62 24.84 9.82
N PRO A 329 0.70 23.85 10.70
CA PRO A 329 -0.17 23.72 11.88
C PRO A 329 0.05 24.79 12.94
N GLY A 330 -0.99 25.03 13.72
CA GLY A 330 -0.98 25.94 14.84
C GLY A 330 -0.57 27.36 14.47
N LYS A 331 0.40 27.86 15.22
CA LYS A 331 0.86 29.23 15.07
C LYS A 331 1.84 29.40 13.91
N THR A 332 2.17 28.31 13.23
CA THR A 332 3.09 28.41 12.10
C THR A 332 2.35 28.76 10.80
N ALA A 333 1.03 28.85 10.88
CA ALA A 333 0.23 29.20 9.71
C ALA A 333 0.79 30.45 9.04
N LEU A 334 0.89 30.43 7.71
CA LEU A 334 1.45 31.54 6.95
C LEU A 334 0.58 32.79 7.03
N ALA A 335 1.18 33.91 7.44
CA ALA A 335 0.40 35.14 7.64
C ALA A 335 0.92 36.29 6.78
N THR A 336 1.80 36.01 5.82
CA THR A 336 2.34 37.10 5.00
C THR A 336 2.45 36.71 3.53
N ARG A 337 2.21 37.68 2.66
CA ARG A 337 2.30 37.48 1.21
C ARG A 337 3.64 36.86 0.82
N GLU A 338 4.72 37.42 1.35
CA GLU A 338 6.07 36.95 1.04
C GLU A 338 6.25 35.48 1.46
N GLN A 339 5.71 35.12 2.62
CA GLN A 339 5.81 33.75 3.11
C GLN A 339 5.11 32.79 2.17
N VAL A 340 3.86 33.11 1.85
CA VAL A 340 3.08 32.28 0.96
C VAL A 340 3.79 32.07 -0.38
N GLN A 341 4.33 33.17 -0.92
CA GLN A 341 5.03 33.10 -2.19
C GLN A 341 6.31 32.27 -2.07
N TRP A 342 7.01 32.42 -0.96
CA TRP A 342 8.25 31.67 -0.76
C TRP A 342 7.98 30.17 -0.73
N TRP A 343 6.98 29.76 0.04
CA TRP A 343 6.65 28.34 0.15
C TRP A 343 6.16 27.77 -1.17
N LEU A 344 5.36 28.53 -1.90
CA LEU A 344 4.90 28.06 -3.21
C LEU A 344 6.08 27.80 -4.11
N LEU A 345 7.10 28.67 -4.04
CA LEU A 345 8.30 28.50 -4.83
C LEU A 345 9.04 27.23 -4.43
N GLN A 346 9.13 26.99 -3.12
CA GLN A 346 9.81 25.79 -2.62
C GLN A 346 9.14 24.53 -3.16
N LEU A 347 7.82 24.46 -3.02
CA LEU A 347 7.07 23.32 -3.52
C LEU A 347 7.19 23.20 -5.03
N ALA A 348 7.09 24.34 -5.71
CA ALA A 348 7.18 24.37 -7.17
C ALA A 348 8.54 23.86 -7.65
N GLN A 349 9.58 24.20 -6.90
CA GLN A 349 10.92 23.76 -7.27
C GLN A 349 11.08 22.26 -7.10
N GLU A 350 10.57 21.72 -6.00
CA GLU A 350 10.61 20.28 -5.83
C GLU A 350 9.80 19.61 -6.93
N LEU A 351 8.61 20.15 -7.16
CA LEU A 351 7.73 19.61 -8.19
C LEU A 351 8.39 19.65 -9.55
N GLU A 352 9.08 20.75 -9.85
CA GLU A 352 9.75 20.87 -11.13
C GLU A 352 10.79 19.77 -11.31
N GLU A 353 11.55 19.49 -10.26
CA GLU A 353 12.59 18.46 -10.32
C GLU A 353 11.97 17.10 -10.59
N ARG A 354 10.94 16.76 -9.84
CA ARG A 354 10.29 15.46 -9.99
C ARG A 354 9.63 15.31 -11.36
N LEU A 355 9.02 16.40 -11.83
CA LEU A 355 8.35 16.40 -13.13
C LEU A 355 9.35 16.21 -14.26
N THR A 356 10.43 16.96 -14.21
CA THR A 356 11.46 16.85 -15.24
C THR A 356 11.99 15.42 -15.31
N LYS A 357 12.24 14.82 -14.15
CA LYS A 357 12.69 13.44 -14.12
C LYS A 357 11.63 12.52 -14.72
N ASP A 358 10.38 12.73 -14.34
CA ASP A 358 9.29 11.94 -14.85
C ASP A 358 9.27 11.96 -16.38
N ARG A 359 9.31 13.16 -16.93
CA ARG A 359 9.30 13.36 -18.37
C ARG A 359 10.44 12.60 -19.03
N ASN A 360 11.64 12.69 -18.46
CA ASN A 360 12.82 12.02 -19.01
C ASN A 360 12.69 10.51 -18.90
N ASP A 361 12.22 10.03 -17.76
CA ASP A 361 12.14 8.61 -17.49
C ASP A 361 10.96 7.95 -18.20
N ASN A 362 9.82 8.63 -18.26
CA ASN A 362 8.60 7.95 -18.69
C ASN A 362 7.95 8.53 -19.95
N ASP A 363 8.61 9.44 -20.63
CA ASP A 363 8.09 9.95 -21.90
C ASP A 363 6.65 10.46 -21.79
N ARG A 364 6.43 11.40 -20.88
CA ARG A 364 5.10 11.99 -20.70
C ARG A 364 5.23 13.36 -20.06
N VAL A 365 4.20 14.18 -20.23
CA VAL A 365 4.19 15.50 -19.63
C VAL A 365 2.85 15.81 -18.98
N ALA A 366 2.89 16.40 -17.79
CA ALA A 366 1.69 16.85 -17.12
C ALA A 366 1.13 18.09 -17.81
N THR A 367 -0.19 18.23 -17.85
CA THR A 367 -0.77 19.36 -18.55
C THR A 367 -1.63 20.23 -17.64
N GLN A 368 -1.83 19.79 -16.41
CA GLN A 368 -2.64 20.55 -15.47
C GLN A 368 -1.96 20.72 -14.12
N LEU A 369 -2.08 21.91 -13.54
CA LEU A 369 -1.53 22.19 -12.23
C LEU A 369 -2.64 22.47 -11.24
N VAL A 370 -2.70 21.69 -10.17
CA VAL A 370 -3.73 21.89 -9.16
C VAL A 370 -3.16 22.55 -7.92
N VAL A 371 -3.84 23.60 -7.47
CA VAL A 371 -3.43 24.32 -6.27
C VAL A 371 -4.47 24.18 -5.19
N SER A 372 -4.06 23.63 -4.05
CA SER A 372 -4.98 23.47 -2.94
C SER A 372 -4.43 24.13 -1.69
N ILE A 373 -5.30 24.81 -0.96
CA ILE A 373 -4.90 25.47 0.27
C ILE A 373 -5.92 25.26 1.36
N ARG A 374 -5.50 25.49 2.58
CA ARG A 374 -6.37 25.43 3.73
C ARG A 374 -6.15 26.63 4.60
N VAL A 375 -7.23 27.23 5.06
CA VAL A 375 -7.14 28.41 5.92
C VAL A 375 -7.43 28.05 7.37
N GLN A 376 -6.75 28.70 8.29
CA GLN A 376 -6.95 28.42 9.69
C GLN A 376 -8.38 28.72 10.12
N GLY A 377 -8.96 27.80 10.89
CA GLY A 377 -10.34 27.96 11.32
C GLY A 377 -11.30 27.21 10.43
N ASP A 378 -10.78 26.74 9.31
CA ASP A 378 -11.59 25.97 8.36
C ASP A 378 -11.57 24.49 8.71
N LYS A 379 -12.75 23.93 8.90
CA LYS A 379 -12.88 22.51 9.22
C LYS A 379 -12.45 21.64 8.04
N ARG A 380 -12.79 22.11 6.84
CA ARG A 380 -12.52 21.37 5.61
C ARG A 380 -11.03 21.16 5.37
N LEU A 381 -10.69 20.04 4.73
CA LEU A 381 -9.31 19.76 4.39
C LEU A 381 -8.78 20.83 3.45
N SER A 382 -9.64 21.31 2.56
CA SER A 382 -9.24 22.33 1.59
C SER A 382 -10.15 23.54 1.62
N SER A 383 -9.60 24.69 1.95
CA SER A 383 -10.35 25.92 1.92
C SER A 383 -10.61 26.35 0.49
N LEU A 384 -9.66 25.99 -0.39
CA LEU A 384 -9.78 26.33 -1.81
C LEU A 384 -8.99 25.34 -2.67
N ARG A 385 -9.56 25.01 -3.82
CA ARG A 385 -8.91 24.17 -4.81
C ARG A 385 -9.10 24.77 -6.18
N ARG A 386 -8.01 25.00 -6.88
CA ARG A 386 -8.10 25.61 -8.20
C ARG A 386 -7.07 25.04 -9.14
N CYS A 387 -7.31 25.19 -10.43
CA CYS A 387 -6.41 24.67 -11.44
C CYS A 387 -6.05 25.72 -12.47
N CYS A 388 -4.96 25.46 -13.14
CA CYS A 388 -4.50 26.28 -14.24
C CYS A 388 -3.65 25.43 -15.16
N ALA A 389 -3.45 25.89 -16.38
CA ALA A 389 -2.70 25.10 -17.34
C ALA A 389 -1.24 24.96 -16.94
N LEU A 390 -0.72 23.76 -17.07
CA LEU A 390 0.70 23.49 -16.86
C LEU A 390 1.39 23.36 -18.21
N THR A 391 1.91 24.46 -18.73
CA THR A 391 2.46 24.46 -20.07
C THR A 391 3.97 24.29 -20.10
N ARG A 392 4.65 24.66 -19.01
CA ARG A 392 6.09 24.49 -18.95
C ARG A 392 6.57 24.13 -17.55
N TYR A 393 7.55 23.23 -17.48
CA TYR A 393 8.13 22.82 -16.21
C TYR A 393 9.07 23.88 -15.68
N ASP A 394 8.48 25.00 -15.30
CA ASP A 394 9.23 26.12 -14.75
C ASP A 394 8.73 26.44 -13.36
N ALA A 395 9.58 26.28 -12.36
CA ALA A 395 9.18 26.48 -10.98
C ALA A 395 8.64 27.90 -10.75
N HIS A 396 9.28 28.89 -11.32
CA HIS A 396 8.85 30.26 -11.11
C HIS A 396 7.45 30.50 -11.69
N LYS A 397 7.22 30.01 -12.91
CA LYS A 397 5.90 30.17 -13.52
C LYS A 397 4.83 29.43 -12.73
N MET A 398 5.13 28.18 -12.36
CA MET A 398 4.17 27.38 -11.61
C MET A 398 3.84 28.05 -10.28
N SER A 399 4.87 28.56 -9.60
CA SER A 399 4.66 29.24 -8.34
C SER A 399 3.89 30.54 -8.55
N HIS A 400 4.23 31.28 -9.60
CA HIS A 400 3.52 32.51 -9.89
C HIS A 400 2.06 32.24 -10.28
N ASP A 401 1.87 31.23 -11.14
CA ASP A 401 0.51 30.85 -11.56
C ASP A 401 -0.31 30.40 -10.36
N ALA A 402 0.31 29.62 -9.48
CA ALA A 402 -0.35 29.11 -8.30
C ALA A 402 -0.82 30.26 -7.41
N PHE A 403 0.02 31.27 -7.28
CA PHE A 403 -0.30 32.44 -6.46
C PHE A 403 -1.46 33.22 -7.05
N THR A 404 -1.46 33.35 -8.38
CA THR A 404 -2.51 34.09 -9.07
C THR A 404 -3.89 33.52 -8.78
N VAL A 405 -3.99 32.19 -8.80
CA VAL A 405 -5.28 31.54 -8.61
C VAL A 405 -5.77 31.58 -7.16
N ILE A 406 -4.85 31.65 -6.19
CA ILE A 406 -5.27 31.64 -4.78
C ILE A 406 -5.19 33.03 -4.13
N LYS A 407 -4.65 34.01 -4.83
CA LYS A 407 -4.41 35.30 -4.20
C LYS A 407 -5.68 35.99 -3.75
N ASN A 408 -6.79 35.73 -4.39
CA ASN A 408 -8.01 36.43 -4.02
C ASN A 408 -8.62 35.91 -2.72
N CYS A 409 -8.12 34.80 -2.20
CA CYS A 409 -8.64 34.29 -0.94
C CYS A 409 -8.09 35.09 0.26
N ASN A 410 -7.09 35.93 0.00
CA ASN A 410 -6.56 36.80 1.05
C ASN A 410 -7.49 37.98 1.28
N THR A 411 -7.96 38.15 2.51
CA THR A 411 -8.95 39.19 2.80
C THR A 411 -8.34 40.37 3.59
N SER A 412 -7.03 40.39 3.72
CA SER A 412 -6.36 41.43 4.50
C SER A 412 -6.16 42.72 3.73
N GLY A 413 -6.51 43.85 4.36
CA GLY A 413 -6.27 45.13 3.74
C GLY A 413 -4.80 45.48 3.71
N ILE A 414 -4.08 45.16 4.79
CA ILE A 414 -2.65 45.42 4.86
C ILE A 414 -1.92 44.73 3.70
N GLN A 415 -1.05 45.48 3.04
CA GLN A 415 -0.33 44.97 1.87
C GLN A 415 0.59 43.80 2.22
N THR A 416 1.32 43.93 3.33
CA THR A 416 2.28 42.91 3.73
C THR A 416 1.61 41.63 4.21
N GLU A 417 0.51 41.79 4.94
CA GLU A 417 -0.11 40.67 5.65
C GLU A 417 -1.03 39.83 4.79
N TRP A 418 -1.18 38.57 5.20
CA TRP A 418 -2.09 37.63 4.57
C TRP A 418 -3.02 37.02 5.60
N SER A 419 -4.31 37.14 5.36
CA SER A 419 -5.30 36.56 6.25
C SER A 419 -6.55 36.17 5.48
N PRO A 420 -7.26 35.14 5.94
CA PRO A 420 -6.86 34.38 7.13
C PRO A 420 -5.62 33.52 6.85
N PRO A 421 -4.87 33.16 7.90
CA PRO A 421 -3.64 32.35 7.78
C PRO A 421 -3.88 30.99 7.12
N LEU A 422 -2.91 30.56 6.31
CA LEU A 422 -2.97 29.29 5.60
C LEU A 422 -2.26 28.19 6.38
N THR A 423 -2.95 27.07 6.59
CA THR A 423 -2.41 25.96 7.34
C THR A 423 -1.92 24.84 6.42
N MET A 424 -2.14 25.00 5.12
CA MET A 424 -1.69 23.97 4.20
C MET A 424 -1.54 24.50 2.78
N LEU A 425 -0.52 23.99 2.09
CA LEU A 425 -0.27 24.27 0.69
C LEU A 425 -0.06 22.97 -0.07
N PHE A 426 -0.72 22.85 -1.20
CA PHE A 426 -0.58 21.66 -2.00
C PHE A 426 -0.54 21.99 -3.48
N LEU A 427 0.54 21.57 -4.13
CA LEU A 427 0.68 21.72 -5.57
C LEU A 427 0.70 20.34 -6.21
N CYS A 428 -0.10 20.13 -7.24
CA CYS A 428 -0.13 18.81 -7.85
C CYS A 428 -0.18 18.90 -9.37
N ALA A 429 0.67 18.12 -10.02
CA ALA A 429 0.67 18.03 -11.48
C ALA A 429 -0.16 16.84 -11.90
N THR A 430 -1.06 17.03 -12.86
CA THR A 430 -1.92 15.94 -13.29
C THR A 430 -2.22 16.00 -14.78
N LYS A 431 -3.11 15.12 -15.23
CA LYS A 431 -3.49 15.03 -16.63
C LYS A 431 -2.26 14.89 -17.51
N PHE A 432 -1.55 13.78 -17.33
CA PHE A 432 -0.35 13.48 -18.10
C PHE A 432 -0.70 13.07 -19.52
N SER A 433 0.10 13.55 -20.46
CA SER A 433 -0.04 13.20 -21.86
C SER A 433 1.27 12.67 -22.41
N ALA A 434 1.20 11.77 -23.37
CA ALA A 434 2.41 11.15 -23.91
C ALA A 434 3.30 12.20 -24.64
N SER A 435 4.63 12.07 -24.47
CA SER A 435 5.64 12.89 -25.16
C SER A 435 7.05 12.32 -24.97
P TTD B 5 4.25 17.85 5.87
OP1 TTD B 5 5.49 18.65 5.74
OP2 TTD B 5 2.92 18.54 5.77
O5' TTD B 5 4.27 16.65 4.80
C5' TTD B 5 5.35 15.73 4.78
C4R TTD B 5 5.19 14.79 3.60
O4' TTD B 5 4.12 13.86 3.79
C3R TTD B 5 4.92 15.49 2.27
O3R TTD B 5 5.64 14.79 1.23
C2' TTD B 5 3.44 15.21 2.09
C1' TTD B 5 3.37 13.80 2.57
N1 TTD B 5 1.99 13.25 2.93
C2 TTD B 5 1.82 11.95 3.35
O2 TTD B 5 2.63 11.16 3.15
N3 TTD B 5 0.58 11.64 3.93
C4 TTD B 5 -0.55 12.43 4.22
O4 TTD B 5 -1.49 12.09 4.83
C5 TTD B 5 -0.63 13.78 3.72
C5A TTD B 5 -0.59 14.95 4.83
C6 TTD B 5 0.71 14.03 2.93
PB TTD B 5 5.48 15.27 -0.29
O5P TTD B 5 5.30 16.75 -0.34
O4P TTD B 5 6.61 14.64 -0.99
O5R TTD B 5 4.14 14.54 -0.77
C5R TTD B 5 4.21 13.15 -1.10
O4R TTD B 5 2.09 12.46 -0.15
C2R TTD B 5 0.81 13.83 -1.41
C1R TTD B 5 0.72 12.69 -0.38
N1T TTD B 5 -0.21 12.71 0.84
C2T TTD B 5 -1.08 11.64 0.96
O2T TTD B 5 -0.78 10.59 0.55
N3T TTD B 5 -2.11 11.93 1.79
C4T TTD B 5 -2.39 13.09 2.50
O4T TTD B 5 -3.49 13.39 2.96
C5T TTD B 5 -1.34 14.20 2.40
C5M TTD B 5 -1.88 15.65 2.43
C6T TTD B 5 0.00 14.06 1.51
C4' TTD B 5 2.84 12.62 -1.39
C3' TTD B 5 1.94 13.40 -2.34
O3' TTD B 5 1.40 12.49 -3.29
N1 XG4 D . 2.67 8.74 6.60
C2 XG4 D . 3.85 8.76 5.88
N2 XG4 D . 4.49 9.97 5.69
N3 XG4 D . 4.41 7.65 5.40
C4 XG4 D . 3.80 6.44 5.58
C5 XG4 D . 2.59 6.35 6.32
C6 XG4 D . 2.01 7.56 6.80
O6 XG4 D . 0.93 7.55 7.44
N7 XG4 D . 2.22 5.05 6.33
C8 XG4 D . 3.12 4.34 5.70
N9 XG4 D . 4.13 5.15 5.21
PA XG4 D . 3.37 0.07 4.92
PB XG4 D . 5.79 -0.88 6.36
PG XG4 D . 5.00 -3.44 7.08
C1' XG4 D . 5.36 4.81 4.43
O1A XG4 D . 3.47 -0.93 4.08
O1B XG4 D . 6.19 -1.16 5.21
O1G XG4 D . 4.41 -3.44 5.87
C2' XG4 D . 6.45 4.32 5.41
O2A XG4 D . 2.09 0.43 5.34
O2B XG4 D . 6.53 0.01 6.91
O2G XG4 D . 5.86 -4.46 7.25
C3' XG4 D . 6.48 2.82 5.25
O3' XG4 D . 7.63 2.15 5.53
N3A XG4 D . 4.27 -0.23 6.19
O3B XG4 D . 5.72 -2.10 7.30
O3G XG4 D . 4.05 -3.52 8.02
C4' XG4 D . 5.98 2.74 3.81
O4' XG4 D . 5.19 3.83 3.55
C5' XG4 D . 5.17 1.43 3.64
O5' XG4 D . 3.89 1.37 4.27
MG MG E . 5.05 -2.48 3.89
MG MG F . 2.35 -1.14 2.11
C1 GOL G . -20.17 -17.31 8.53
O1 GOL G . -20.09 -16.18 9.31
C2 GOL G . -19.46 -17.09 7.21
O2 GOL G . -18.08 -16.99 7.46
C3 GOL G . -19.75 -18.26 6.32
O3 GOL G . -19.14 -18.00 5.08
C1 GOL H . -2.28 8.54 -16.59
O1 GOL H . -0.91 8.31 -16.66
C2 GOL H . -2.60 9.79 -17.37
O2 GOL H . -2.46 9.45 -18.73
C3 GOL H . -4.04 10.14 -17.12
O3 GOL H . -4.27 11.40 -17.70
C1 GOL I . -1.30 -3.81 3.45
O1 GOL I . -1.09 -3.16 2.23
C2 GOL I . -0.90 -5.15 3.24
O2 GOL I . 0.54 -5.06 3.10
C3 GOL I . -1.28 -5.83 4.57
O3 GOL I . -1.29 -7.15 4.57
C1 GOL J . 17.17 -5.23 5.49
O1 GOL J . 16.64 -4.80 6.73
C2 GOL J . 18.55 -4.67 5.36
O2 GOL J . 19.32 -5.20 6.43
C3 GOL J . 19.15 -5.11 4.03
O3 GOL J . 20.42 -4.52 3.83
C1 GOL K . -3.29 -21.03 8.54
O1 GOL K . -1.91 -21.49 8.72
C2 GOL K . -3.89 -20.84 9.95
O2 GOL K . -3.08 -20.61 11.09
C3 GOL K . -5.25 -19.93 9.80
O3 GOL K . -5.55 -19.38 11.13
C1 GOL L . -12.28 -24.55 -4.65
O1 GOL L . -12.81 -25.64 -5.17
C2 GOL L . -11.91 -24.83 -3.20
O2 GOL L . -11.47 -26.14 -2.88
C3 GOL L . -11.02 -23.63 -2.98
O3 GOL L . -10.27 -23.84 -1.79
C1 GOL M . -17.23 -18.56 0.72
O1 GOL M . -17.51 -18.84 -0.60
C2 GOL M . -18.24 -17.69 1.21
O2 GOL M . -19.47 -18.43 1.09
C3 GOL M . -17.82 -17.46 2.67
O3 GOL M . -18.40 -16.49 3.37
C1 GOL N . -8.43 -1.68 6.14
O1 GOL N . -9.61 -0.90 6.11
C2 GOL N . -8.10 -2.07 4.72
O2 GOL N . -7.89 -0.89 3.93
C3 GOL N . -6.84 -2.91 4.70
O3 GOL N . -6.60 -3.24 3.36
N1 XG4 O . -14.75 -0.65 -2.58
C2 XG4 O . -14.19 -0.85 -3.84
N2 XG4 O . -12.82 -0.87 -3.96
N3 XG4 O . -14.94 -1.04 -4.93
C4 XG4 O . -16.30 -1.01 -4.84
C5 XG4 O . -16.93 -0.80 -3.59
C6 XG4 O . -16.10 -0.63 -2.45
O6 XG4 O . -16.59 -0.45 -1.31
N7 XG4 O . -18.26 -0.82 -3.79
C8 XG4 O . -18.49 -1.04 -5.05
N9 XG4 O . -17.33 -1.17 -5.75
C1' XG4 O . -17.12 -1.42 -7.17
C1 GOL P . -21.98 9.25 -13.66
O1 GOL P . -21.34 10.26 -14.45
C2 GOL P . -21.04 8.80 -12.54
O2 GOL P . -20.55 9.89 -11.74
C3 GOL P . -21.77 7.77 -11.66
O3 GOL P . -20.94 7.45 -10.57
C1 GOL Q . -3.18 15.04 -0.86
O1 GOL Q . -3.06 13.61 -0.96
C2 GOL Q . -4.70 15.35 -0.82
O2 GOL Q . -5.64 14.43 -0.25
C3 GOL Q . -4.81 16.94 -0.29
O3 GOL Q . -6.21 17.13 0.19
C1 GOL R . -2.63 5.25 -2.96
O1 GOL R . -4.04 5.37 -2.89
C2 GOL R . -1.99 5.78 -1.68
O2 GOL R . -2.37 4.93 -0.63
C3 GOL R . -0.47 5.72 -1.81
O3 GOL R . 0.16 6.29 -0.69
#